data_8UUD
#
_entry.id   8UUD
#
_cell.length_a   70.494
_cell.length_b   82.870
_cell.length_c   126.555
_cell.angle_alpha   90.00
_cell.angle_beta   90.00
_cell.angle_gamma   90.00
#
_symmetry.space_group_name_H-M   'P 21 21 21'
#
loop_
_entity.id
_entity.type
_entity.pdbx_description
1 polymer 'Factor VII light chain'
2 polymer 'Coagulation factor VII Heavy Chain'
3 polymer 'Tissue factor'
4 polymer 'Tissue factor'
5 non-polymer beta-D-glucopyranose
6 non-polymer alpha-L-fucopyranose
7 non-polymer 'CALCIUM ION'
8 non-polymer "(1P)-2'-[(4-carbamimidoylphenyl)carbamoyl]-4'-ethenyl-4-[(2-methylpropyl)carbamoyl][1,1'-biphenyl]-2-carboxylic acid"
9 water water
#
loop_
_entity_poly.entity_id
_entity_poly.type
_entity_poly.pdbx_seq_one_letter_code
_entity_poly.pdbx_strand_id
1 'polypeptide(L)'
;ANAFL(CGU)(CGU)LRPGSL(CGU)R(CGU)CK(CGU)(CGU)QCSF(CGU)(CGU)AR(CGU)IFKDA(CGU)RTKLF
WISYSDGDQCASSPCQNGGSCKDQLQSYICFCLPAFEGRNCETHKDDQLICVNENGGCEQYCSDHTGTKRSCRCHEGYSL
LADGVSCTPTVEYPCGKIPILE
;
L
2 'polypeptide(L)'
;IVGGKVCPKGECPWQVLLLVNGAQLCGGTLINTIWVVSAAHCFDKIKNWRNLIAVLGEHDLSEHDGDEQSRRVAQVIIPS
TYVPGTTNHDIALLRLHQPVVLTDHVVPLCLPERTFSERTLAFVRFSLVSGWGQLLDRGATALELMVLNVPRLMTQDCLQ
QSRKVGDSPNITEYMFCAGYSDGSKDSCKGDSGGPHATHYRGTWYLTGIVSWGQGCATVGHFGVYTRVSQYIEWLQKLMR
SEPRPGVLLRAPFP
;
H
3 'polypeptide(L)' TVAAYNLTWKSTNFKTILEWEPKPVNQVYTVQISTKSGDWKSKCFYTTDTECDLTDEIVKDVKQTYLARVFSYPA T
4 'polypeptide(L)'
;EPLYENSPEFTPYLETNLGQPTIQSFEQVGTKVNVTVEDERTLVRRNNTFLSLRDVFGKDLIYTLYYWSGKKTAKTNTNE
FLIDVDKGENYCFSVQAVIPSRTVNRKSTDSPVECM
;
U
#
# COMPACT_ATOMS: atom_id res chain seq x y z
N ALA A 1 47.03 -20.81 19.98
CA ALA A 1 47.48 -22.19 20.28
C ALA A 1 48.76 -22.15 21.12
N ASN A 2 49.09 -23.29 21.74
CA ASN A 2 50.12 -23.36 22.77
C ASN A 2 50.83 -24.72 22.72
N ALA A 3 52.06 -24.73 22.15
CA ALA A 3 52.87 -25.95 22.02
C ALA A 3 53.82 -26.11 23.20
N PHE A 4 54.58 -27.21 23.20
CA PHE A 4 55.64 -27.45 24.16
C PHE A 4 56.69 -26.34 24.12
N LEU A 5 56.57 -25.34 25.00
CA LEU A 5 57.22 -24.04 24.84
C LEU A 5 56.25 -22.96 25.36
N LEU A 8 56.49 -19.85 27.12
CA LEU A 8 57.91 -19.38 27.15
C LEU A 8 58.02 -17.96 26.57
N ARG A 9 57.47 -17.77 25.36
CA ARG A 9 57.28 -16.47 24.72
C ARG A 9 56.15 -15.74 25.43
N PRO A 10 56.28 -14.44 25.78
CA PRO A 10 55.26 -13.77 26.59
C PRO A 10 53.99 -13.55 25.77
N GLY A 11 52.97 -12.99 26.42
CA GLY A 11 51.68 -12.74 25.80
C GLY A 11 51.81 -11.88 24.55
N SER A 12 51.35 -12.44 23.42
CA SER A 12 51.02 -11.68 22.23
C SER A 12 49.55 -11.88 21.88
N LEU A 13 48.92 -10.87 21.26
CA LEU A 13 47.63 -11.00 20.61
C LEU A 13 47.86 -11.25 19.11
N ARG A 15 50.27 -14.31 16.09
CA ARG A 15 51.12 -15.30 16.79
C ARG A 15 50.65 -15.34 18.26
N CYS A 17 46.07 -14.79 19.62
CA CYS A 17 44.61 -14.89 19.35
C CYS A 17 44.30 -14.82 17.85
N LYS A 18 45.18 -14.21 17.04
CA LYS A 18 45.02 -14.22 15.58
C LYS A 18 46.24 -14.89 14.91
N GLN A 21 44.49 -19.11 17.26
CA GLN A 21 43.08 -18.92 17.73
C GLN A 21 42.91 -19.29 19.22
N CYS A 22 42.48 -18.33 20.04
CA CYS A 22 42.75 -18.37 21.49
C CYS A 22 41.51 -18.58 22.34
N SER A 23 41.79 -19.12 23.53
CA SER A 23 40.80 -19.31 24.57
C SER A 23 40.58 -18.00 25.32
N PHE A 24 39.47 -17.95 26.04
CA PHE A 24 39.10 -16.77 26.79
C PHE A 24 40.22 -16.31 27.75
N ALA A 27 43.60 -14.31 26.41
CA ALA A 27 42.77 -13.09 26.23
C ALA A 27 42.74 -12.24 27.49
N ARG A 28 43.14 -12.78 28.64
CA ARG A 28 43.24 -11.97 29.84
C ARG A 28 44.42 -12.45 30.69
N ILE A 30 46.44 -10.98 28.90
CA ILE A 30 46.75 -10.00 27.82
C ILE A 30 46.07 -8.67 28.15
N PHE A 31 44.74 -8.64 28.17
CA PHE A 31 44.02 -7.39 28.36
C PHE A 31 43.96 -6.97 29.83
N LYS A 32 44.07 -7.93 30.77
CA LYS A 32 44.09 -7.66 32.21
C LYS A 32 42.73 -7.12 32.66
N ASP A 33 42.37 -5.89 32.28
CA ASP A 33 41.07 -5.35 32.65
C ASP A 33 39.96 -6.07 31.88
N ALA A 34 38.83 -6.24 32.56
CA ALA A 34 37.70 -6.97 32.00
C ALA A 34 36.54 -6.00 31.70
N ARG A 36 36.83 -4.43 28.70
CA ARG A 36 38.04 -4.52 27.83
C ARG A 36 38.20 -5.92 27.28
N THR A 37 38.13 -6.91 28.17
CA THR A 37 38.19 -8.30 27.74
C THR A 37 36.87 -8.69 27.08
N LYS A 38 35.74 -8.33 27.71
CA LYS A 38 34.40 -8.58 27.18
C LYS A 38 34.28 -7.94 25.80
N LEU A 39 34.75 -6.70 25.70
CA LEU A 39 34.72 -5.93 24.47
C LEU A 39 35.40 -6.65 23.31
N PHE A 40 36.63 -7.14 23.53
CA PHE A 40 37.33 -7.94 22.54
C PHE A 40 36.53 -9.22 22.27
N TRP A 41 36.03 -9.84 23.34
CA TRP A 41 35.54 -11.21 23.26
C TRP A 41 34.23 -11.28 22.46
N ILE A 42 33.36 -10.26 22.62
CA ILE A 42 32.07 -10.22 21.96
C ILE A 42 32.22 -10.55 20.45
N SER A 43 33.12 -9.84 19.76
CA SER A 43 33.28 -9.92 18.32
C SER A 43 34.13 -11.12 17.94
N TYR A 44 35.17 -11.39 18.75
CA TYR A 44 36.12 -12.46 18.47
C TYR A 44 35.43 -13.82 18.50
N SER A 45 34.56 -14.00 19.49
CA SER A 45 33.94 -15.29 19.77
C SER A 45 32.71 -15.52 18.91
N ASP A 46 32.30 -14.50 18.13
CA ASP A 46 31.02 -14.53 17.44
C ASP A 46 31.11 -15.46 16.24
N GLY A 47 32.21 -15.35 15.49
CA GLY A 47 32.36 -16.16 14.29
C GLY A 47 31.65 -15.56 13.07
N ASP A 48 32.03 -16.07 11.90
CA ASP A 48 31.60 -15.58 10.60
C ASP A 48 30.36 -16.35 10.19
N GLN A 49 29.18 -15.75 10.38
CA GLN A 49 27.92 -16.36 9.96
C GLN A 49 27.87 -16.43 8.44
N CYS A 50 28.78 -15.72 7.77
CA CYS A 50 28.88 -15.75 6.32
C CYS A 50 29.68 -16.94 5.80
N ALA A 51 30.25 -17.76 6.69
CA ALA A 51 31.10 -18.87 6.27
C ALA A 51 30.27 -19.95 5.56
N SER A 52 29.01 -20.09 5.97
CA SER A 52 28.09 -21.05 5.40
C SER A 52 27.64 -20.61 3.99
N SER A 53 28.15 -19.46 3.53
CA SER A 53 27.77 -18.90 2.25
C SER A 53 26.26 -18.95 2.05
N PRO A 54 25.46 -18.18 2.82
CA PRO A 54 24.01 -18.22 2.69
C PRO A 54 23.46 -17.43 1.51
N CYS A 55 24.19 -16.38 1.08
CA CYS A 55 23.70 -15.53 0.01
C CYS A 55 23.82 -16.26 -1.33
N GLN A 56 22.68 -16.40 -2.02
CA GLN A 56 22.58 -17.13 -3.27
C GLN A 56 22.57 -16.15 -4.43
N ASN A 57 22.78 -16.68 -5.64
CA ASN A 57 22.52 -15.95 -6.87
C ASN A 57 23.43 -14.73 -6.99
N GLY A 58 24.68 -14.87 -6.55
CA GLY A 58 25.71 -13.88 -6.79
C GLY A 58 25.70 -12.77 -5.73
N GLY A 59 24.98 -13.00 -4.64
CA GLY A 59 24.89 -12.01 -3.57
C GLY A 59 26.16 -11.99 -2.73
N SER A 60 26.41 -10.85 -2.08
CA SER A 60 27.54 -10.72 -1.18
C SER A 60 27.08 -10.63 0.29
N CYS A 61 27.85 -11.31 1.15
CA CYS A 61 27.51 -11.53 2.53
C CYS A 61 28.35 -10.61 3.40
N LYS A 62 27.68 -9.86 4.29
CA LYS A 62 28.37 -9.02 5.26
C LYS A 62 28.02 -9.52 6.68
N ASP A 63 29.07 -9.75 7.47
CA ASP A 63 28.97 -10.40 8.75
C ASP A 63 28.48 -9.39 9.78
N GLN A 64 27.69 -9.88 10.74
CA GLN A 64 27.17 -9.02 11.78
C GLN A 64 27.41 -9.71 13.11
N LEU A 65 26.71 -9.29 14.16
CA LEU A 65 26.78 -9.98 15.43
C LEU A 65 25.60 -10.95 15.48
N GLN A 66 25.89 -12.25 15.35
CA GLN A 66 24.91 -13.33 15.46
C GLN A 66 23.88 -13.26 14.32
N SER A 67 24.29 -12.70 13.17
CA SER A 67 23.42 -12.57 12.02
C SER A 67 24.27 -12.15 10.82
N TYR A 68 23.62 -11.94 9.66
CA TYR A 68 24.32 -11.38 8.51
C TYR A 68 23.35 -10.56 7.66
N ILE A 69 23.88 -9.96 6.58
CA ILE A 69 23.13 -9.19 5.60
C ILE A 69 23.56 -9.68 4.23
N CYS A 70 22.58 -10.05 3.41
CA CYS A 70 22.85 -10.35 2.00
C CYS A 70 22.51 -9.15 1.15
N PHE A 71 23.49 -8.75 0.34
CA PHE A 71 23.32 -7.76 -0.71
C PHE A 71 23.09 -8.49 -2.02
N CYS A 72 22.02 -8.14 -2.76
CA CYS A 72 21.57 -8.93 -3.90
C CYS A 72 21.82 -8.20 -5.22
N LEU A 73 22.04 -8.98 -6.29
CA LEU A 73 22.00 -8.46 -7.65
C LEU A 73 20.57 -8.00 -7.91
N PRO A 74 20.37 -6.98 -8.80
CA PRO A 74 19.06 -6.34 -8.96
C PRO A 74 17.82 -7.23 -9.17
N ALA A 75 17.98 -8.35 -9.88
CA ALA A 75 16.84 -9.18 -10.22
C ALA A 75 16.48 -10.16 -9.08
N PHE A 76 16.97 -9.88 -7.87
CA PHE A 76 16.84 -10.81 -6.77
C PHE A 76 16.51 -10.07 -5.50
N GLU A 77 15.87 -10.80 -4.58
CA GLU A 77 15.54 -10.33 -3.26
C GLU A 77 15.35 -11.54 -2.36
N GLY A 78 15.00 -11.30 -1.09
CA GLY A 78 14.96 -12.32 -0.05
C GLY A 78 16.14 -12.14 0.90
N ARG A 79 15.97 -12.62 2.12
CA ARG A 79 17.03 -12.69 3.10
C ARG A 79 18.31 -13.23 2.49
N ASN A 80 18.22 -14.36 1.76
CA ASN A 80 19.36 -15.02 1.13
C ASN A 80 19.37 -14.85 -0.39
N CYS A 81 18.71 -13.78 -0.87
CA CYS A 81 18.60 -13.48 -2.30
C CYS A 81 18.00 -14.69 -3.03
N GLU A 82 17.04 -15.39 -2.41
CA GLU A 82 16.55 -16.65 -2.94
C GLU A 82 15.45 -16.47 -4.00
N THR A 83 14.97 -15.23 -4.17
CA THR A 83 13.77 -14.96 -4.93
C THR A 83 14.12 -14.31 -6.25
N HIS A 84 13.74 -14.95 -7.38
CA HIS A 84 13.92 -14.35 -8.69
C HIS A 84 12.76 -13.39 -8.96
N LYS A 85 13.04 -12.10 -9.16
CA LYS A 85 11.97 -11.17 -9.38
C LYS A 85 11.23 -11.49 -10.68
N ASP A 86 11.92 -12.14 -11.62
CA ASP A 86 11.41 -12.35 -12.97
C ASP A 86 10.35 -13.46 -12.97
N ASP A 87 10.34 -14.32 -11.94
CA ASP A 87 9.41 -15.43 -11.84
C ASP A 87 8.11 -15.04 -11.12
N GLN A 88 8.00 -13.74 -10.78
CA GLN A 88 6.90 -13.23 -10.01
C GLN A 88 5.91 -12.47 -10.90
N LEU A 89 6.00 -12.65 -12.23
CA LEU A 89 5.10 -11.96 -13.15
C LEU A 89 3.74 -12.66 -13.18
N ILE A 90 2.98 -12.45 -12.09
CA ILE A 90 1.63 -12.95 -11.93
C ILE A 90 0.69 -11.77 -11.66
N CYS A 91 -0.60 -11.97 -11.92
CA CYS A 91 -1.57 -10.90 -11.97
C CYS A 91 -1.80 -10.26 -10.61
N VAL A 92 -1.42 -10.96 -9.54
CA VAL A 92 -1.57 -10.46 -8.19
C VAL A 92 -0.41 -9.51 -7.88
N ASN A 93 0.65 -9.55 -8.68
CA ASN A 93 1.79 -8.65 -8.57
C ASN A 93 1.64 -7.43 -9.52
N GLU A 94 1.06 -6.34 -8.99
CA GLU A 94 0.85 -5.09 -9.73
C GLU A 94 0.16 -5.41 -11.04
N ASN A 95 -0.88 -6.23 -10.93
CA ASN A 95 -1.75 -6.51 -12.03
C ASN A 95 -0.98 -7.05 -13.23
N GLY A 96 0.20 -7.64 -12.99
CA GLY A 96 0.96 -8.30 -14.05
C GLY A 96 1.67 -7.32 -14.98
N GLY A 97 1.79 -6.06 -14.58
CA GLY A 97 2.15 -5.02 -15.52
C GLY A 97 1.06 -4.74 -16.56
N CYS A 98 -0.12 -5.37 -16.47
CA CYS A 98 -1.20 -5.04 -17.38
C CYS A 98 -1.78 -3.68 -17.02
N GLU A 99 -2.17 -2.92 -18.04
CA GLU A 99 -2.74 -1.60 -17.87
C GLU A 99 -4.19 -1.73 -17.47
N GLN A 100 -4.90 -2.72 -18.04
CA GLN A 100 -6.29 -3.01 -17.70
C GLN A 100 -6.39 -4.40 -17.07
N TYR A 101 -6.88 -5.39 -17.84
CA TYR A 101 -7.16 -6.72 -17.29
C TYR A 101 -5.95 -7.65 -17.42
N CYS A 102 -5.78 -8.51 -16.39
CA CYS A 102 -4.71 -9.50 -16.35
C CYS A 102 -5.29 -10.91 -16.26
N SER A 103 -4.77 -11.84 -17.05
CA SER A 103 -5.20 -13.24 -16.96
C SER A 103 -4.01 -14.16 -16.64
N ASP A 104 -4.08 -14.86 -15.50
CA ASP A 104 -3.11 -15.88 -15.12
C ASP A 104 -3.34 -17.21 -15.83
N HIS A 105 -2.24 -17.83 -16.27
CA HIS A 105 -2.28 -19.14 -16.90
C HIS A 105 -1.17 -19.99 -16.31
N THR A 106 -1.55 -21.07 -15.63
CA THR A 106 -0.60 -22.14 -15.33
C THR A 106 -0.09 -22.71 -16.64
N GLY A 107 1.23 -22.97 -16.69
CA GLY A 107 1.86 -23.57 -17.86
C GLY A 107 2.55 -22.52 -18.73
N THR A 108 2.08 -21.28 -18.63
CA THR A 108 2.51 -20.27 -19.57
C THR A 108 2.50 -18.90 -18.88
N LYS A 109 2.97 -17.91 -19.63
CA LYS A 109 3.01 -16.52 -19.20
C LYS A 109 1.59 -15.93 -19.04
N ARG A 110 1.48 -14.96 -18.12
CA ARG A 110 0.28 -14.14 -17.97
C ARG A 110 0.03 -13.37 -19.26
N SER A 111 -1.24 -13.23 -19.62
CA SER A 111 -1.65 -12.47 -20.79
C SER A 111 -2.53 -11.32 -20.30
N CYS A 112 -2.33 -10.14 -20.91
CA CYS A 112 -3.12 -8.96 -20.64
C CYS A 112 -4.29 -8.84 -21.62
N ARG A 113 -5.39 -8.23 -21.16
CA ARG A 113 -6.56 -7.93 -21.99
C ARG A 113 -6.97 -6.46 -21.80
N CYS A 114 -8.00 -6.03 -22.56
CA CYS A 114 -8.57 -4.70 -22.44
C CYS A 114 -10.10 -4.75 -22.38
N HIS A 115 -10.68 -3.70 -21.75
CA HIS A 115 -12.13 -3.47 -21.69
C HIS A 115 -12.72 -3.28 -23.11
N GLU A 116 -13.99 -3.61 -23.28
CA GLU A 116 -14.74 -3.18 -24.46
C GLU A 116 -14.36 -1.73 -24.75
N GLY A 117 -14.05 -1.46 -26.02
CA GLY A 117 -13.78 -0.10 -26.49
C GLY A 117 -12.30 0.21 -26.54
N TYR A 118 -11.49 -0.73 -26.09
CA TYR A 118 -10.04 -0.62 -26.22
C TYR A 118 -9.52 -1.90 -26.84
N SER A 119 -8.32 -1.81 -27.41
CA SER A 119 -7.61 -3.00 -27.84
C SER A 119 -6.16 -2.91 -27.41
N LEU A 120 -5.52 -4.08 -27.38
CA LEU A 120 -4.19 -4.25 -26.83
C LEU A 120 -3.15 -3.89 -27.87
N LEU A 121 -2.17 -3.07 -27.47
CA LEU A 121 -1.03 -2.71 -28.30
C LEU A 121 -0.02 -3.86 -28.38
N ALA A 122 1.10 -3.60 -29.08
CA ALA A 122 2.01 -4.68 -29.46
C ALA A 122 2.87 -5.08 -28.27
N ASP A 123 3.28 -4.08 -27.46
CA ASP A 123 4.03 -4.28 -26.23
C ASP A 123 3.35 -5.22 -25.25
N GLY A 124 2.07 -5.57 -25.47
CA GLY A 124 1.44 -6.70 -24.81
C GLY A 124 0.72 -6.35 -23.52
N VAL A 125 0.86 -5.10 -23.03
CA VAL A 125 0.28 -4.67 -21.77
C VAL A 125 -0.62 -3.42 -21.87
N SER A 126 -0.38 -2.57 -22.89
CA SER A 126 -1.03 -1.27 -23.00
C SER A 126 -2.34 -1.39 -23.77
N CYS A 127 -3.34 -0.58 -23.38
CA CYS A 127 -4.62 -0.55 -24.08
C CYS A 127 -4.81 0.83 -24.72
N THR A 128 -5.46 0.86 -25.90
CA THR A 128 -5.73 2.10 -26.61
C THR A 128 -7.19 2.10 -27.08
N PRO A 129 -7.88 3.28 -27.08
CA PRO A 129 -9.29 3.33 -27.46
C PRO A 129 -9.50 3.03 -28.94
N THR A 130 -10.50 2.18 -29.26
CA THR A 130 -10.92 1.89 -30.62
C THR A 130 -12.26 2.56 -30.95
N VAL A 131 -12.69 3.52 -30.10
CA VAL A 131 -13.91 4.31 -30.27
C VAL A 131 -13.62 5.73 -29.79
N GLU A 132 -14.57 6.63 -30.02
CA GLU A 132 -14.29 8.04 -29.84
C GLU A 132 -14.47 8.42 -28.37
N TYR A 133 -15.51 7.86 -27.74
CA TYR A 133 -15.79 8.10 -26.32
C TYR A 133 -15.80 6.78 -25.54
N PRO A 134 -14.63 6.22 -25.18
CA PRO A 134 -14.58 4.96 -24.42
C PRO A 134 -14.90 5.25 -22.97
N CYS A 135 -15.43 4.24 -22.27
CA CYS A 135 -15.69 4.31 -20.83
C CYS A 135 -14.43 4.74 -20.08
N GLY A 136 -14.63 5.59 -19.08
CA GLY A 136 -13.62 5.88 -18.06
C GLY A 136 -12.46 6.75 -18.50
N LYS A 137 -12.70 7.61 -19.50
CA LYS A 137 -11.78 8.67 -19.87
C LYS A 137 -12.55 9.97 -19.85
N ILE A 138 -11.86 11.05 -19.50
CA ILE A 138 -12.48 12.37 -19.37
C ILE A 138 -12.06 13.18 -20.58
N PRO A 139 -12.89 13.28 -21.66
CA PRO A 139 -12.49 13.96 -22.88
C PRO A 139 -11.96 15.38 -22.66
N ILE A 140 -12.47 16.18 -21.73
CA ILE A 140 -12.06 17.59 -21.77
C ILE A 140 -10.66 17.75 -21.22
N LEU A 141 -9.98 16.65 -20.87
CA LEU A 141 -8.60 16.75 -20.40
C LEU A 141 -7.68 15.95 -21.29
N GLU A 142 -8.19 15.08 -22.17
CA GLU A 142 -7.36 14.11 -22.86
C GLU A 142 -6.57 14.83 -23.97
N ILE B 1 -22.31 16.12 -0.45
CA ILE B 1 -20.85 15.99 -0.15
C ILE B 1 -20.52 17.08 0.84
N VAL B 2 -19.84 16.69 1.93
CA VAL B 2 -19.27 17.57 2.93
C VAL B 2 -17.75 17.65 2.71
N GLY B 3 -17.22 18.88 2.59
CA GLY B 3 -15.78 19.13 2.60
C GLY B 3 -15.11 18.78 1.27
N GLY B 4 -15.91 18.75 0.21
CA GLY B 4 -15.42 18.41 -1.11
C GLY B 4 -15.15 19.70 -1.88
N LYS B 5 -14.93 19.58 -3.20
CA LYS B 5 -14.75 20.71 -4.08
C LYS B 5 -15.77 20.61 -5.20
N VAL B 6 -16.01 21.71 -5.92
CA VAL B 6 -16.79 21.65 -7.16
C VAL B 6 -16.08 20.71 -8.12
N CYS B 7 -16.85 19.88 -8.81
CA CYS B 7 -16.31 19.15 -9.94
C CYS B 7 -16.43 20.06 -11.15
N PRO B 8 -15.29 20.55 -11.69
CA PRO B 8 -15.29 21.43 -12.87
C PRO B 8 -16.13 20.81 -13.97
N LYS B 9 -17.00 21.62 -14.56
CA LYS B 9 -17.92 21.17 -15.60
C LYS B 9 -17.20 20.23 -16.54
N GLY B 10 -17.78 19.06 -16.78
CA GLY B 10 -17.17 18.14 -17.72
C GLY B 10 -16.27 17.09 -17.07
N GLU B 11 -15.81 17.31 -15.83
CA GLU B 11 -14.78 16.45 -15.25
C GLU B 11 -15.37 15.32 -14.38
N CYS B 12 -16.72 15.22 -14.27
CA CYS B 12 -17.45 14.12 -13.63
C CYS B 12 -18.53 13.64 -14.60
N PRO B 13 -18.18 13.31 -15.85
CA PRO B 13 -19.17 13.25 -16.94
C PRO B 13 -20.15 12.07 -16.94
N TRP B 14 -19.92 11.13 -16.03
CA TRP B 14 -20.75 9.95 -15.84
C TRP B 14 -21.69 10.11 -14.66
N GLN B 15 -21.66 11.26 -13.98
CA GLN B 15 -22.65 11.56 -12.95
C GLN B 15 -24.01 11.66 -13.62
N VAL B 16 -25.00 11.03 -12.97
CA VAL B 16 -26.40 11.10 -13.36
C VAL B 16 -27.15 11.77 -12.22
N LEU B 17 -28.16 12.54 -12.60
CA LEU B 17 -29.15 13.06 -11.68
C LEU B 17 -30.47 12.37 -12.00
N LEU B 18 -31.11 11.85 -10.95
CA LEU B 18 -32.44 11.29 -11.06
C LEU B 18 -33.42 12.27 -10.42
N LEU B 19 -34.53 12.52 -11.15
CA LEU B 19 -35.65 13.34 -10.69
C LEU B 19 -36.91 12.51 -10.72
N VAL B 20 -37.82 12.74 -9.75
CA VAL B 20 -39.17 12.17 -9.77
C VAL B 20 -40.20 13.29 -9.60
N ASN B 21 -41.21 13.70 -11.16
CA ASN B 21 -41.96 14.99 -11.17
C ASN B 21 -41.07 16.12 -10.63
N GLY B 22 -39.91 16.32 -11.30
CA GLY B 22 -39.16 17.56 -11.23
C GLY B 22 -38.32 17.72 -9.98
N ALA B 23 -38.49 16.83 -8.99
CA ALA B 23 -37.77 16.90 -7.71
C ALA B 23 -36.55 15.98 -7.74
N GLN B 24 -35.47 16.48 -7.14
CA GLN B 24 -34.21 15.77 -7.00
C GLN B 24 -34.40 14.54 -6.13
N LEU B 25 -34.01 13.38 -6.65
CA LEU B 25 -34.22 12.14 -5.93
C LEU B 25 -32.88 11.56 -5.45
N CYS B 26 -32.01 11.22 -6.39
CA CYS B 26 -30.75 10.52 -6.09
C CYS B 26 -29.76 10.77 -7.23
N GLY B 27 -28.51 10.35 -7.01
CA GLY B 27 -27.52 10.22 -8.05
C GLY B 27 -27.57 8.87 -8.74
N GLY B 28 -26.82 8.77 -9.83
CA GLY B 28 -26.63 7.53 -10.57
C GLY B 28 -25.29 7.59 -11.29
N THR B 29 -24.97 6.53 -12.02
CA THR B 29 -23.71 6.42 -12.73
C THR B 29 -24.01 5.79 -14.09
N LEU B 30 -23.66 6.48 -15.18
CA LEU B 30 -23.80 5.94 -16.53
C LEU B 30 -22.67 4.95 -16.82
N ILE B 31 -23.02 3.73 -17.26
CA ILE B 31 -22.06 2.68 -17.56
C ILE B 31 -22.09 2.33 -19.05
N ASN B 32 -23.10 2.82 -19.77
CA ASN B 32 -23.09 2.82 -21.22
C ASN B 32 -24.26 3.69 -21.66
N THR B 33 -24.68 3.57 -22.93
CA THR B 33 -25.57 4.57 -23.50
C THR B 33 -27.00 4.40 -22.98
N ILE B 34 -27.35 3.21 -22.46
CA ILE B 34 -28.75 3.00 -22.07
C ILE B 34 -28.87 2.54 -20.63
N TRP B 35 -27.76 2.26 -19.94
CA TRP B 35 -27.80 1.67 -18.60
C TRP B 35 -27.14 2.58 -17.56
N VAL B 36 -27.85 2.74 -16.44
CA VAL B 36 -27.41 3.55 -15.31
C VAL B 36 -27.45 2.71 -14.03
N VAL B 37 -26.42 2.87 -13.17
CA VAL B 37 -26.42 2.16 -11.91
C VAL B 37 -26.75 3.15 -10.81
N SER B 38 -27.60 2.73 -9.88
CA SER B 38 -27.94 3.57 -8.73
C SER B 38 -28.15 2.74 -7.46
N ALA B 39 -28.79 3.32 -6.46
CA ALA B 39 -29.03 2.62 -5.20
C ALA B 39 -30.49 2.15 -5.11
N ALA B 40 -30.69 0.95 -4.58
CA ALA B 40 -32.02 0.38 -4.50
C ALA B 40 -32.92 1.24 -3.62
N HIS B 41 -32.34 1.84 -2.56
CA HIS B 41 -33.14 2.47 -1.50
C HIS B 41 -33.77 3.77 -2.01
N CYS B 42 -33.25 4.29 -3.12
CA CYS B 42 -33.72 5.50 -3.77
C CYS B 42 -35.15 5.37 -4.26
N PHE B 43 -35.63 4.13 -4.49
CA PHE B 43 -36.93 3.85 -5.10
C PHE B 43 -37.95 3.27 -4.14
N ASP B 44 -37.68 3.34 -2.84
CA ASP B 44 -38.52 2.62 -1.88
C ASP B 44 -39.92 3.22 -1.80
N LYS B 45 -40.04 4.54 -2.06
CA LYS B 45 -41.27 5.27 -1.80
C LYS B 45 -41.83 5.88 -3.08
N ILE B 46 -41.27 5.52 -4.24
CA ILE B 46 -41.80 6.04 -5.48
C ILE B 46 -43.21 5.48 -5.58
N LYS B 47 -44.13 6.18 -6.26
CA LYS B 47 -45.25 5.46 -6.86
C LYS B 47 -45.69 6.07 -8.18
N ASN B 48 -44.80 6.82 -8.86
CA ASN B 48 -45.06 7.36 -10.18
C ASN B 48 -43.95 6.92 -11.16
N TRP B 49 -43.93 5.62 -11.44
CA TRP B 49 -42.89 5.01 -12.23
C TRP B 49 -42.83 5.54 -13.67
N ARG B 50 -43.44 6.72 -13.88
CA ARG B 50 -43.41 7.41 -15.16
C ARG B 50 -43.15 8.90 -14.95
N ASN B 51 -42.83 9.32 -13.72
CA ASN B 51 -42.46 10.70 -13.45
C ASN B 51 -40.96 10.75 -13.16
N LEU B 52 -40.25 9.77 -13.72
CA LEU B 52 -38.93 9.38 -13.26
C LEU B 52 -37.92 9.60 -14.38
N ILE B 53 -37.17 10.71 -14.27
CA ILE B 53 -36.29 11.10 -15.35
C ILE B 53 -34.80 10.94 -14.96
N ALA B 54 -33.96 10.58 -15.94
CA ALA B 54 -32.53 10.68 -15.72
C ALA B 54 -31.97 11.90 -16.42
N VAL B 55 -31.07 12.64 -15.77
CA VAL B 55 -30.45 13.76 -16.45
C VAL B 55 -28.94 13.55 -16.54
N LEU B 56 -28.38 13.67 -17.75
CA LEU B 56 -26.97 13.53 -17.98
C LEU B 56 -26.38 14.83 -18.51
N GLY B 57 -25.13 15.06 -18.14
CA GLY B 57 -24.43 16.28 -18.50
C GLY B 57 -24.81 17.47 -17.63
N GLU B 58 -25.45 17.21 -16.47
CA GLU B 58 -25.83 18.23 -15.53
C GLU B 58 -24.58 18.76 -14.82
N HIS B 59 -24.62 20.02 -14.40
CA HIS B 59 -23.54 20.59 -13.62
C HIS B 59 -24.16 21.52 -12.59
N ASP B 60 -24.79 22.57 -13.11
CA ASP B 60 -25.41 23.60 -12.29
C ASP B 60 -26.90 23.35 -12.41
N LEU B 61 -27.56 22.98 -11.31
CA LEU B 61 -28.98 22.64 -11.32
C LEU B 61 -29.83 23.88 -11.60
N SER B 62 -29.24 25.05 -11.44
CA SER B 62 -29.98 26.28 -11.53
C SER B 62 -29.91 26.92 -12.92
N GLU B 63 -29.08 26.42 -13.88
CA GLU B 63 -29.14 26.91 -15.26
C GLU B 63 -29.16 25.72 -16.22
N HIS B 64 -30.01 25.79 -17.25
CA HIS B 64 -30.05 24.75 -18.29
C HIS B 64 -29.15 25.17 -19.44
N ASP B 65 -28.10 24.39 -19.74
CA ASP B 65 -27.25 24.67 -20.90
C ASP B 65 -27.35 23.52 -21.90
N GLY B 66 -26.69 23.66 -23.05
CA GLY B 66 -26.85 22.70 -24.13
C GLY B 66 -26.21 21.34 -23.85
N ASP B 67 -25.57 21.17 -22.70
CA ASP B 67 -24.93 19.88 -22.43
C ASP B 67 -25.88 18.91 -21.72
N GLU B 68 -27.01 19.39 -21.17
CA GLU B 68 -27.92 18.51 -20.48
C GLU B 68 -28.70 17.65 -21.46
N GLN B 69 -28.72 16.33 -21.25
CA GLN B 69 -29.68 15.45 -21.92
C GLN B 69 -30.60 14.79 -20.90
N SER B 70 -31.90 14.71 -21.22
CA SER B 70 -32.88 14.05 -20.39
C SER B 70 -33.31 12.72 -21.03
N ARG B 71 -33.61 11.73 -20.20
CA ARG B 71 -34.20 10.49 -20.65
C ARG B 71 -35.15 9.98 -19.58
N ARG B 72 -36.23 9.39 -20.07
CA ARG B 72 -37.22 8.64 -19.30
C ARG B 72 -36.57 7.32 -18.90
N VAL B 73 -36.78 6.94 -17.65
CA VAL B 73 -36.36 5.63 -17.19
C VAL B 73 -37.41 4.60 -17.58
N ALA B 74 -37.01 3.65 -18.41
CA ALA B 74 -37.90 2.60 -18.86
C ALA B 74 -38.07 1.53 -17.78
N GLN B 75 -37.01 1.21 -17.04
CA GLN B 75 -37.07 0.09 -16.11
C GLN B 75 -36.08 0.24 -14.93
N VAL B 76 -36.50 -0.21 -13.77
CA VAL B 76 -35.68 -0.21 -12.57
C VAL B 76 -35.52 -1.64 -12.09
N ILE B 77 -34.29 -2.16 -12.07
CA ILE B 77 -34.06 -3.54 -11.68
C ILE B 77 -33.28 -3.58 -10.37
N ILE B 78 -33.85 -4.26 -9.37
CA ILE B 78 -33.24 -4.38 -8.06
C ILE B 78 -33.14 -5.86 -7.71
N PRO B 79 -32.27 -6.25 -6.76
CA PRO B 79 -32.25 -7.62 -6.25
C PRO B 79 -33.52 -8.03 -5.50
N SER B 80 -33.90 -9.30 -5.66
CA SER B 80 -34.99 -9.88 -4.88
C SER B 80 -34.64 -9.90 -3.39
N THR B 81 -33.34 -10.02 -3.09
CA THR B 81 -32.82 -10.07 -1.73
C THR B 81 -32.85 -8.73 -1.01
N TYR B 82 -33.12 -7.64 -1.73
CA TYR B 82 -33.14 -6.34 -1.08
C TYR B 82 -34.45 -6.18 -0.32
N VAL B 83 -34.41 -5.45 0.79
CA VAL B 83 -35.57 -5.30 1.65
C VAL B 83 -35.71 -3.83 2.00
N PRO B 84 -36.76 -3.13 1.50
CA PRO B 84 -37.01 -1.72 1.84
C PRO B 84 -36.87 -1.43 3.33
N GLY B 85 -36.21 -0.31 3.62
CA GLY B 85 -35.96 0.11 4.99
C GLY B 85 -34.71 -0.52 5.58
N THR B 86 -34.01 -1.39 4.84
CA THR B 86 -32.72 -1.91 5.25
C THR B 86 -31.64 -1.32 4.36
N THR B 87 -30.41 -1.82 4.50
CA THR B 87 -29.23 -1.27 3.87
C THR B 87 -28.51 -2.27 2.96
N ASN B 88 -28.78 -3.58 3.09
CA ASN B 88 -28.02 -4.58 2.37
C ASN B 88 -28.48 -4.66 0.90
N HIS B 89 -27.63 -5.15 0.02
CA HIS B 89 -27.99 -5.31 -1.40
C HIS B 89 -28.51 -4.00 -2.03
N ASP B 90 -27.86 -2.88 -1.74
CA ASP B 90 -28.40 -1.57 -2.04
C ASP B 90 -27.87 -1.11 -3.41
N ILE B 91 -28.51 -1.61 -4.46
CA ILE B 91 -28.07 -1.41 -5.82
C ILE B 91 -29.28 -1.51 -6.73
N ALA B 92 -29.27 -0.69 -7.79
CA ALA B 92 -30.32 -0.63 -8.77
C ALA B 92 -29.72 -0.48 -10.17
N LEU B 93 -30.35 -1.17 -11.13
CA LEU B 93 -29.96 -1.06 -12.52
C LEU B 93 -31.12 -0.47 -13.29
N LEU B 94 -30.83 0.58 -14.08
CA LEU B 94 -31.85 1.42 -14.71
C LEU B 94 -31.66 1.40 -16.22
N ARG B 95 -32.70 1.02 -16.98
CA ARG B 95 -32.65 1.09 -18.43
C ARG B 95 -33.30 2.40 -18.88
N LEU B 96 -32.59 3.15 -19.72
CA LEU B 96 -33.13 4.38 -20.30
C LEU B 96 -33.99 4.02 -21.51
N HIS B 97 -34.97 4.88 -21.79
CA HIS B 97 -35.97 4.61 -22.82
C HIS B 97 -35.29 4.70 -24.20
N GLN B 98 -34.54 5.78 -24.41
CA GLN B 98 -33.68 5.95 -25.59
C GLN B 98 -32.24 6.15 -25.11
N PRO B 99 -31.24 5.86 -25.94
CA PRO B 99 -29.84 6.07 -25.57
C PRO B 99 -29.53 7.52 -25.29
N VAL B 100 -28.47 7.77 -24.51
CA VAL B 100 -27.85 9.09 -24.49
C VAL B 100 -26.91 9.19 -25.66
N VAL B 101 -26.57 10.41 -26.02
CA VAL B 101 -25.55 10.69 -27.03
C VAL B 101 -24.27 10.99 -26.26
N LEU B 102 -23.18 10.31 -26.60
CA LEU B 102 -21.90 10.52 -25.94
C LEU B 102 -21.24 11.80 -26.49
N THR B 103 -20.78 12.67 -25.58
CA THR B 103 -20.19 13.97 -25.89
C THR B 103 -19.01 14.24 -24.96
N ASP B 104 -18.35 15.38 -25.15
CA ASP B 104 -17.23 15.74 -24.27
C ASP B 104 -17.74 15.83 -22.83
N HIS B 105 -19.06 15.91 -22.68
CA HIS B 105 -19.67 16.19 -21.40
C HIS B 105 -20.42 14.98 -20.84
N VAL B 106 -20.59 13.92 -21.67
CA VAL B 106 -21.39 12.78 -21.29
C VAL B 106 -20.70 11.50 -21.70
N VAL B 107 -20.08 10.83 -20.72
CA VAL B 107 -19.26 9.65 -20.97
C VAL B 107 -19.54 8.61 -19.88
N PRO B 108 -19.57 7.32 -20.21
CA PRO B 108 -19.77 6.28 -19.19
C PRO B 108 -18.49 5.98 -18.39
N LEU B 109 -18.73 5.55 -17.14
CA LEU B 109 -17.68 4.99 -16.30
C LEU B 109 -17.59 3.51 -16.65
N CYS B 110 -16.39 2.93 -16.61
CA CYS B 110 -16.25 1.54 -16.99
C CYS B 110 -16.69 0.68 -15.80
N LEU B 111 -17.58 -0.28 -16.07
CA LEU B 111 -17.85 -1.40 -15.17
C LEU B 111 -16.72 -2.37 -15.34
N PRO B 112 -15.98 -2.76 -14.29
CA PRO B 112 -14.87 -3.69 -14.45
C PRO B 112 -15.22 -5.16 -14.29
N GLU B 113 -14.31 -6.06 -14.67
CA GLU B 113 -14.44 -7.46 -14.34
C GLU B 113 -14.30 -7.67 -12.84
N ARG B 114 -14.87 -8.77 -12.33
CA ARG B 114 -14.96 -9.05 -10.91
C ARG B 114 -13.56 -9.23 -10.34
N THR B 115 -12.69 -10.00 -11.02
CA THR B 115 -11.39 -10.33 -10.45
C THR B 115 -10.49 -9.09 -10.49
N PHE B 116 -10.56 -8.28 -11.55
CA PHE B 116 -9.72 -7.11 -11.65
C PHE B 116 -10.05 -6.21 -10.46
N SER B 117 -11.32 -6.10 -10.18
CA SER B 117 -11.83 -5.21 -9.15
C SER B 117 -11.42 -5.65 -7.75
N GLU B 118 -11.53 -6.97 -7.50
CA GLU B 118 -11.22 -7.54 -6.20
C GLU B 118 -9.72 -7.62 -5.93
N ARG B 119 -8.95 -7.88 -6.98
CA ARG B 119 -7.53 -8.17 -6.89
C ARG B 119 -6.70 -6.89 -7.06
N THR B 120 -7.22 -5.89 -7.81
CA THR B 120 -6.46 -4.69 -8.13
C THR B 120 -7.20 -3.42 -7.67
N LEU B 121 -8.41 -3.16 -8.19
CA LEU B 121 -9.06 -1.91 -7.84
C LEU B 121 -9.23 -1.75 -6.34
N ALA B 122 -9.39 -2.88 -5.61
CA ALA B 122 -9.72 -2.82 -4.19
C ALA B 122 -8.56 -2.23 -3.38
N PHE B 123 -7.35 -2.21 -3.95
CA PHE B 123 -6.15 -1.85 -3.21
C PHE B 123 -5.57 -0.52 -3.66
N VAL B 124 -6.35 0.22 -4.45
CA VAL B 124 -6.09 1.62 -4.72
C VAL B 124 -6.73 2.40 -3.58
N ARG B 125 -5.97 3.26 -2.90
CA ARG B 125 -6.43 3.78 -1.63
C ARG B 125 -7.59 4.77 -1.78
N PHE B 126 -7.42 5.74 -2.69
CA PHE B 126 -8.31 6.87 -2.87
C PHE B 126 -9.16 6.68 -4.11
N SER B 127 -10.45 7.00 -3.95
CA SER B 127 -11.42 6.99 -5.04
C SER B 127 -12.27 8.24 -4.89
N LEU B 128 -12.98 8.65 -5.94
CA LEU B 128 -13.78 9.87 -5.89
C LEU B 128 -15.24 9.52 -5.69
N VAL B 129 -15.92 10.32 -4.87
CA VAL B 129 -17.37 10.25 -4.73
C VAL B 129 -17.88 11.65 -4.98
N SER B 130 -19.06 11.73 -5.58
CA SER B 130 -19.58 12.95 -6.15
C SER B 130 -21.09 13.01 -6.00
N GLY B 131 -21.62 14.23 -5.89
CA GLY B 131 -23.05 14.44 -5.88
C GLY B 131 -23.46 15.87 -5.58
N TRP B 132 -24.79 16.06 -5.63
CA TRP B 132 -25.47 17.30 -5.34
C TRP B 132 -26.18 17.25 -3.99
N GLY B 133 -25.67 16.41 -3.09
CA GLY B 133 -26.29 16.19 -1.78
C GLY B 133 -25.87 17.23 -0.75
N GLN B 134 -26.13 16.92 0.52
CA GLN B 134 -26.05 17.93 1.57
C GLN B 134 -24.59 18.33 1.85
N LEU B 135 -24.36 19.65 1.97
CA LEU B 135 -23.03 20.21 2.18
C LEU B 135 -22.62 20.00 3.62
N LEU B 136 -23.64 19.78 4.45
CA LEU B 136 -23.47 19.53 5.87
C LEU B 136 -24.62 18.63 6.30
N ASP B 137 -24.39 17.90 7.38
CA ASP B 137 -25.39 16.96 7.87
C ASP B 137 -26.71 17.70 8.12
N ARG B 138 -26.66 18.81 8.88
CA ARG B 138 -27.84 19.45 9.45
C ARG B 138 -29.10 19.09 8.66
N GLY B 139 -27.36 20.25 6.51
CA GLY B 139 -27.62 21.58 5.94
C GLY B 139 -28.29 21.43 4.59
N ALA B 140 -27.88 22.28 3.64
CA ALA B 140 -28.58 22.40 2.39
C ALA B 140 -27.86 21.55 1.35
N THR B 141 -28.51 21.42 0.19
CA THR B 141 -27.98 20.72 -0.96
C THR B 141 -27.20 21.66 -1.89
N ALA B 142 -26.38 21.05 -2.75
CA ALA B 142 -25.49 21.75 -3.64
C ALA B 142 -26.24 22.07 -4.94
N LEU B 143 -25.86 23.19 -5.55
CA LEU B 143 -26.36 23.54 -6.87
C LEU B 143 -25.37 23.06 -7.93
N GLU B 144 -24.09 23.04 -7.57
CA GLU B 144 -23.07 22.63 -8.50
C GLU B 144 -22.54 21.28 -8.01
N LEU B 145 -22.25 20.39 -8.98
CA LEU B 145 -21.81 19.04 -8.68
C LEU B 145 -20.57 19.13 -7.80
N MET B 146 -20.58 18.43 -6.65
CA MET B 146 -19.47 18.43 -5.73
C MET B 146 -18.79 17.07 -5.76
N VAL B 147 -17.50 17.05 -5.43
CA VAL B 147 -16.70 15.83 -5.54
C VAL B 147 -15.63 15.82 -4.44
N LEU B 148 -15.25 14.61 -4.05
CA LEU B 148 -14.42 14.40 -2.89
C LEU B 148 -13.56 13.15 -3.10
N ASN B 149 -12.37 13.21 -2.56
CA ASN B 149 -11.45 12.09 -2.54
C ASN B 149 -11.61 11.37 -1.21
N VAL B 150 -11.91 10.05 -1.23
CA VAL B 150 -11.99 9.28 0.00
C VAL B 150 -11.11 8.04 -0.03
N PRO B 151 -10.47 7.69 1.12
CA PRO B 151 -9.67 6.48 1.24
C PRO B 151 -10.47 5.23 1.62
N ARG B 152 -10.11 4.09 1.07
CA ARG B 152 -10.90 2.89 1.28
C ARG B 152 -10.35 2.13 2.48
N LEU B 153 -11.22 1.45 3.22
CA LEU B 153 -10.81 0.61 4.33
C LEU B 153 -11.31 -0.81 4.12
N MET B 154 -10.55 -1.78 4.60
CA MET B 154 -11.05 -3.12 4.74
C MET B 154 -11.99 -3.19 5.94
N THR B 155 -12.99 -4.05 5.87
CA THR B 155 -14.04 -4.05 6.87
C THR B 155 -13.50 -4.26 8.30
N GLN B 156 -12.56 -5.19 8.49
CA GLN B 156 -11.95 -5.48 9.78
C GLN B 156 -11.42 -4.18 10.39
N ASP B 157 -10.70 -3.38 9.60
CA ASP B 157 -10.22 -2.10 10.09
C ASP B 157 -11.34 -1.09 10.29
N CYS B 158 -12.39 -1.12 9.46
CA CYS B 158 -13.54 -0.23 9.63
C CYS B 158 -14.28 -0.50 10.94
N LEU B 159 -14.49 -1.75 11.31
CA LEU B 159 -15.11 -2.09 12.59
C LEU B 159 -14.20 -1.67 13.74
N GLN B 160 -12.89 -1.97 13.66
CA GLN B 160 -12.00 -1.82 14.81
C GLN B 160 -11.67 -0.36 15.07
N GLN B 161 -12.41 0.56 14.49
CA GLN B 161 -11.90 1.90 14.26
C GLN B 161 -13.07 2.88 14.13
N SER B 162 -14.23 2.35 13.75
CA SER B 162 -15.51 2.99 13.95
C SER B 162 -15.83 2.98 15.43
N ARG B 163 -16.45 4.07 15.89
CA ARG B 163 -17.01 4.22 17.22
C ARG B 163 -18.29 3.39 17.30
N LYS B 164 -18.39 2.62 18.37
CA LYS B 164 -19.41 1.60 18.58
C LYS B 164 -20.72 2.28 18.96
N VAL B 165 -21.84 1.71 18.53
CA VAL B 165 -23.12 2.43 18.63
C VAL B 165 -24.27 1.43 18.61
N GLY B 166 -25.28 1.72 19.44
CA GLY B 166 -26.32 0.76 19.82
C GLY B 166 -26.97 0.03 18.65
N ASP B 167 -27.41 0.78 17.62
CA ASP B 167 -28.24 0.22 16.57
C ASP B 167 -27.75 0.62 15.17
N SER B 168 -26.46 0.41 14.89
CA SER B 168 -25.93 0.53 13.54
C SER B 168 -26.05 -0.82 12.85
N PRO B 169 -26.58 -0.91 11.61
CA PRO B 169 -26.59 -2.17 10.86
C PRO B 169 -25.18 -2.76 10.74
N ASN B 170 -25.11 -4.07 10.52
CA ASN B 170 -23.86 -4.76 10.22
C ASN B 170 -23.29 -4.27 8.88
N ILE B 171 -21.97 -4.18 8.79
CA ILE B 171 -21.30 -4.06 7.51
C ILE B 171 -21.27 -5.46 6.95
N THR B 172 -21.77 -5.67 5.72
CA THR B 172 -21.82 -6.99 5.12
C THR B 172 -20.74 -7.07 4.06
N GLU B 173 -20.67 -8.22 3.38
CA GLU B 173 -19.67 -8.44 2.36
C GLU B 173 -20.11 -7.76 1.05
N TYR B 174 -21.34 -7.21 1.06
CA TYR B 174 -21.86 -6.44 -0.06
C TYR B 174 -21.64 -4.93 0.14
N MET B 175 -20.77 -4.58 1.07
CA MET B 175 -20.53 -3.22 1.48
C MET B 175 -19.02 -3.06 1.68
N PHE B 176 -18.57 -1.80 1.70
CA PHE B 176 -17.23 -1.48 2.12
C PHE B 176 -17.25 -0.07 2.71
N CYS B 177 -16.30 0.21 3.61
CA CYS B 177 -16.26 1.52 4.23
C CYS B 177 -15.36 2.43 3.38
N ALA B 178 -14.98 4.34 3.34
CA ALA B 178 -15.05 5.75 3.73
C ALA B 178 -15.54 5.92 5.17
N GLY B 179 -13.60 7.27 3.49
CA GLY B 179 -14.13 8.39 4.30
C GLY B 179 -13.05 9.02 5.18
N TYR B 180 -12.81 8.43 6.32
CA TYR B 180 -11.40 8.35 6.67
C TYR B 180 -10.91 7.24 5.74
N SER B 181 -13.17 10.18 7.81
CA SER B 181 -13.67 10.24 9.21
C SER B 181 -12.88 11.32 9.97
N ASP B 182 -13.06 11.35 11.30
CA ASP B 182 -12.63 12.50 12.09
C ASP B 182 -13.57 13.68 11.87
N GLY B 183 -14.79 13.45 11.36
CA GLY B 183 -15.87 14.40 11.52
C GLY B 183 -16.25 15.11 10.22
N SER B 184 -14.20 16.65 9.25
CA SER B 184 -13.78 17.11 7.91
C SER B 184 -14.76 16.63 6.84
N LYS B 185 -15.33 15.42 6.89
CA LYS B 185 -14.80 14.20 7.48
C LYS B 185 -14.03 14.46 8.78
N ASP B 186 -16.83 13.98 4.20
CA ASP B 186 -17.49 12.78 3.63
C ASP B 186 -18.73 13.05 2.77
N SER B 187 -19.30 11.97 2.21
CA SER B 187 -20.53 12.04 1.43
C SER B 187 -21.75 12.06 2.35
N CYS B 188 -22.94 12.29 1.80
CA CYS B 188 -24.04 12.69 2.65
C CYS B 188 -25.38 12.37 1.98
N LYS B 189 -26.48 12.73 2.68
CA LYS B 189 -27.84 12.52 2.18
C LYS B 189 -28.03 13.29 0.87
N GLY B 190 -28.67 12.64 -0.11
CA GLY B 190 -28.87 13.24 -1.41
C GLY B 190 -27.77 12.85 -2.41
N ASP B 191 -26.67 12.27 -1.93
CA ASP B 191 -25.61 11.77 -2.81
C ASP B 191 -25.87 10.32 -3.19
N SER B 192 -26.89 9.72 -2.55
CA SER B 192 -27.12 8.30 -2.64
C SER B 192 -27.32 7.88 -4.10
N GLY B 193 -26.86 6.67 -4.45
CA GLY B 193 -26.96 6.15 -5.80
C GLY B 193 -25.79 6.55 -6.69
N GLY B 194 -25.02 7.56 -6.24
CA GLY B 194 -23.91 8.16 -6.96
C GLY B 194 -22.63 7.32 -6.88
N PRO B 195 -21.66 7.60 -7.78
CA PRO B 195 -20.48 6.78 -7.94
C PRO B 195 -19.39 6.97 -6.90
N HIS B 196 -18.68 5.86 -6.65
CA HIS B 196 -17.36 5.83 -6.06
C HIS B 196 -16.51 5.26 -7.19
N ALA B 197 -15.61 6.09 -7.73
CA ALA B 197 -14.88 5.85 -8.96
C ALA B 197 -13.39 5.75 -8.64
N THR B 198 -12.73 4.75 -9.25
CA THR B 198 -11.35 4.43 -8.96
C THR B 198 -10.56 4.61 -10.25
N HIS B 199 -9.45 5.35 -10.14
CA HIS B 199 -8.48 5.51 -11.20
C HIS B 199 -7.44 4.39 -11.18
N TYR B 200 -7.11 3.85 -12.35
CA TYR B 200 -6.00 2.93 -12.43
C TYR B 200 -5.43 2.93 -13.84
N ARG B 201 -4.15 3.31 -13.89
CA ARG B 201 -3.34 3.29 -15.08
C ARG B 201 -4.13 3.89 -16.21
N GLY B 202 -4.69 5.06 -15.92
CA GLY B 202 -5.23 5.89 -16.97
C GLY B 202 -6.73 5.72 -17.23
N THR B 203 -7.42 4.81 -16.55
CA THR B 203 -8.85 4.64 -16.79
C THR B 203 -9.58 4.60 -15.45
N TRP B 204 -10.87 5.02 -15.47
CA TRP B 204 -11.73 5.13 -14.31
C TRP B 204 -12.77 4.01 -14.28
N TYR B 205 -12.95 3.37 -13.09
CA TYR B 205 -13.89 2.25 -12.94
C TYR B 205 -14.91 2.51 -11.84
N LEU B 206 -16.11 1.96 -11.97
CA LEU B 206 -17.04 2.01 -10.86
C LEU B 206 -16.69 0.89 -9.87
N THR B 207 -16.36 1.27 -8.64
CA THR B 207 -16.10 0.34 -7.58
C THR B 207 -17.16 0.43 -6.49
N GLY B 208 -17.93 1.52 -6.42
CA GLY B 208 -18.88 1.67 -5.32
C GLY B 208 -20.13 2.50 -5.64
N ILE B 209 -21.11 2.49 -4.71
CA ILE B 209 -22.30 3.31 -4.82
C ILE B 209 -22.55 4.00 -3.48
N VAL B 210 -22.86 5.30 -3.47
CA VAL B 210 -23.17 5.91 -2.20
C VAL B 210 -24.43 5.26 -1.62
N SER B 211 -24.34 4.75 -0.38
CA SER B 211 -25.45 4.04 0.20
C SER B 211 -25.93 4.64 1.53
N TRP B 212 -25.12 4.60 2.59
CA TRP B 212 -25.60 5.03 3.90
C TRP B 212 -24.44 5.38 4.82
N GLY B 213 -24.77 5.91 5.99
CA GLY B 213 -23.78 6.34 6.97
C GLY B 213 -24.47 6.78 8.26
N GLN B 214 -23.73 6.75 9.38
CA GLN B 214 -24.27 7.04 10.70
C GLN B 214 -23.65 8.35 11.16
N GLY B 215 -25.15 10.12 10.47
CA GLY B 215 -25.53 11.03 9.39
C GLY B 215 -24.34 11.27 8.47
N CYS B 216 -23.73 12.43 8.66
CA CYS B 216 -22.63 12.89 7.87
C CYS B 216 -21.66 13.55 8.87
N ALA B 217 -20.09 13.19 7.77
CA ALA B 217 -18.83 13.48 8.49
C ALA B 217 -19.06 13.27 9.99
N THR B 218 -19.50 12.08 10.40
CA THR B 218 -19.44 10.83 9.65
C THR B 218 -19.73 10.95 8.15
N VAL B 219 -18.30 11.59 12.90
CA VAL B 219 -17.13 11.57 13.86
C VAL B 219 -17.01 10.25 14.60
N GLY B 220 -15.94 9.51 14.34
CA GLY B 220 -15.87 8.10 14.70
C GLY B 220 -16.70 7.19 13.78
N HIS B 221 -17.20 7.69 12.62
CA HIS B 221 -17.99 6.87 11.71
C HIS B 221 -17.49 7.02 10.28
N PHE B 222 -17.74 6.03 9.44
CA PHE B 222 -17.33 6.09 8.04
C PHE B 222 -18.53 6.02 7.10
N GLY B 223 -18.37 6.54 5.89
CA GLY B 223 -19.30 6.28 4.82
C GLY B 223 -19.30 4.81 4.46
N VAL B 224 -20.45 4.31 4.01
CA VAL B 224 -20.58 2.93 3.61
C VAL B 224 -21.11 2.93 2.18
N TYR B 225 -20.49 2.10 1.32
CA TYR B 225 -20.75 2.04 -0.12
C TYR B 225 -21.09 0.61 -0.50
N THR B 226 -21.98 0.46 -1.48
CA THR B 226 -22.26 -0.84 -2.06
C THR B 226 -20.99 -1.33 -2.73
N ARG B 227 -20.63 -2.59 -2.45
CA ARG B 227 -19.46 -3.22 -3.02
C ARG B 227 -19.86 -3.78 -4.38
N VAL B 228 -19.71 -2.91 -5.41
CA VAL B 228 -20.15 -3.23 -6.76
C VAL B 228 -19.58 -4.56 -7.27
N SER B 229 -18.35 -4.91 -6.87
CA SER B 229 -17.68 -6.07 -7.39
C SER B 229 -18.50 -7.36 -7.20
N GLN B 230 -19.36 -7.40 -6.18
CA GLN B 230 -20.19 -8.55 -5.89
C GLN B 230 -21.33 -8.69 -6.88
N TYR B 231 -21.66 -7.66 -7.66
CA TYR B 231 -22.88 -7.67 -8.44
C TYR B 231 -22.57 -7.67 -9.94
N ILE B 232 -21.32 -7.87 -10.33
CA ILE B 232 -20.93 -7.61 -11.71
C ILE B 232 -21.60 -8.61 -12.64
N GLU B 233 -21.54 -9.89 -12.28
CA GLU B 233 -22.11 -10.95 -13.10
C GLU B 233 -23.61 -10.71 -13.22
N TRP B 234 -24.24 -10.29 -12.12
CA TRP B 234 -25.67 -10.04 -12.06
C TRP B 234 -26.03 -8.84 -12.92
N LEU B 235 -25.15 -7.83 -12.96
CA LEU B 235 -25.38 -6.68 -13.81
C LEU B 235 -25.26 -7.10 -15.26
N GLN B 236 -24.21 -7.87 -15.60
CA GLN B 236 -24.00 -8.24 -16.99
C GLN B 236 -25.12 -9.12 -17.53
N LYS B 237 -25.65 -10.02 -16.70
CA LYS B 237 -26.66 -10.97 -17.12
C LYS B 237 -27.95 -10.21 -17.41
N LEU B 238 -28.26 -9.19 -16.59
CA LEU B 238 -29.47 -8.42 -16.76
C LEU B 238 -29.36 -7.44 -17.91
N MET B 239 -28.15 -7.02 -18.25
CA MET B 239 -27.96 -6.05 -19.31
C MET B 239 -28.13 -6.70 -20.68
N ARG B 240 -28.09 -8.05 -20.73
CA ARG B 240 -28.33 -8.84 -21.93
C ARG B 240 -29.70 -9.53 -21.86
N SER B 241 -30.49 -9.25 -20.82
CA SER B 241 -31.77 -9.91 -20.66
C SER B 241 -32.86 -9.13 -21.39
N GLU B 242 -34.02 -9.77 -21.57
CA GLU B 242 -35.08 -9.24 -22.41
C GLU B 242 -36.01 -8.37 -21.56
N PRO B 243 -36.33 -7.13 -22.01
CA PRO B 243 -37.14 -6.21 -21.22
C PRO B 243 -38.46 -6.82 -20.75
N ARG B 244 -38.68 -6.92 -19.43
CA ARG B 244 -39.98 -7.25 -18.87
C ARG B 244 -40.93 -6.06 -19.01
N PRO B 245 -42.26 -6.27 -18.83
CA PRO B 245 -43.25 -5.25 -19.14
C PRO B 245 -43.52 -4.18 -18.08
N GLY B 246 -43.21 -4.48 -16.81
CA GLY B 246 -43.36 -3.52 -15.71
C GLY B 246 -42.15 -2.59 -15.57
N VAL B 247 -42.30 -1.51 -14.80
CA VAL B 247 -41.18 -0.62 -14.55
C VAL B 247 -40.24 -1.24 -13.52
N LEU B 248 -40.77 -1.47 -12.31
CA LEU B 248 -40.02 -2.07 -11.23
C LEU B 248 -39.96 -3.58 -11.43
N LEU B 249 -38.77 -4.13 -11.28
CA LEU B 249 -38.54 -5.54 -11.49
C LEU B 249 -37.58 -6.06 -10.42
N ARG B 250 -38.01 -7.07 -9.67
CA ARG B 250 -37.14 -7.73 -8.71
C ARG B 250 -36.53 -8.96 -9.39
N ALA B 251 -35.24 -8.89 -9.75
CA ALA B 251 -34.53 -10.02 -10.35
C ALA B 251 -33.77 -10.79 -9.27
N PRO B 252 -33.76 -12.14 -9.34
CA PRO B 252 -33.09 -12.95 -8.33
C PRO B 252 -31.61 -12.59 -8.19
N PHE B 253 -31.11 -12.62 -6.95
CA PHE B 253 -29.69 -12.55 -6.68
C PHE B 253 -29.32 -13.69 -5.73
N PRO B 254 -28.26 -14.46 -6.03
CA PRO B 254 -27.49 -14.34 -7.25
C PRO B 254 -28.20 -15.04 -8.41
N THR C 1 -8.22 -21.58 9.26
CA THR C 1 -7.42 -20.36 8.96
C THR C 1 -7.11 -19.59 10.24
N VAL C 2 -5.84 -19.23 10.44
CA VAL C 2 -5.45 -18.39 11.57
C VAL C 2 -4.81 -17.08 11.07
N ALA C 3 -5.16 -15.99 11.74
CA ALA C 3 -4.49 -14.72 11.49
C ALA C 3 -3.05 -14.87 11.96
N ALA C 4 -2.11 -14.32 11.18
CA ALA C 4 -0.72 -14.25 11.63
C ALA C 4 -0.65 -13.41 12.89
N TYR C 5 0.43 -13.58 13.65
CA TYR C 5 0.57 -12.81 14.87
C TYR C 5 2.06 -12.54 15.07
N ASN C 6 2.35 -11.57 15.94
CA ASN C 6 3.69 -11.22 16.33
C ASN C 6 4.46 -10.75 15.11
N LEU C 7 3.78 -9.96 14.28
CA LEU C 7 4.42 -9.28 13.18
C LEU C 7 5.54 -8.37 13.73
N THR C 8 6.75 -8.61 13.22
CA THR C 8 7.98 -8.03 13.72
C THR C 8 8.80 -7.57 12.52
N TRP C 9 9.37 -6.37 12.64
CA TRP C 9 10.26 -5.82 11.63
C TRP C 9 11.72 -6.13 11.97
N LYS C 10 12.46 -6.77 11.05
CA LYS C 10 13.88 -7.00 11.25
C LYS C 10 14.67 -6.16 10.26
N SER C 11 15.31 -5.10 10.77
CA SER C 11 16.00 -4.20 9.87
C SER C 11 17.41 -3.85 10.35
N THR C 12 18.33 -3.93 9.40
CA THR C 12 19.73 -3.65 9.65
C THR C 12 20.32 -3.12 8.35
N ASN C 13 20.67 -1.83 8.35
CA ASN C 13 21.25 -1.16 7.21
C ASN C 13 20.27 -1.22 6.03
N PHE C 14 18.99 -1.03 6.35
CA PHE C 14 17.90 -0.96 5.38
C PHE C 14 17.53 -2.33 4.81
N LYS C 15 18.29 -3.39 5.13
CA LYS C 15 17.82 -4.74 4.86
C LYS C 15 16.63 -4.99 5.78
N THR C 16 15.43 -5.07 5.21
CA THR C 16 14.22 -5.00 6.02
C THR C 16 13.38 -6.24 5.73
N ILE C 17 13.08 -6.99 6.80
CA ILE C 17 12.41 -8.28 6.72
C ILE C 17 11.24 -8.30 7.68
N LEU C 18 10.03 -8.57 7.18
CA LEU C 18 8.90 -8.78 8.05
C LEU C 18 8.88 -10.26 8.44
N GLU C 19 8.57 -10.52 9.73
CA GLU C 19 8.50 -11.87 10.26
C GLU C 19 7.20 -11.95 11.04
N TRP C 20 6.64 -13.16 11.08
CA TRP C 20 5.43 -13.36 11.84
C TRP C 20 5.38 -14.83 12.23
N GLU C 21 4.42 -15.14 13.13
CA GLU C 21 4.00 -16.51 13.38
C GLU C 21 2.57 -16.66 12.84
N PRO C 22 2.02 -17.88 12.64
CA PRO C 22 2.71 -19.14 12.90
C PRO C 22 3.14 -19.90 11.66
N LYS C 23 3.84 -21.01 11.88
CA LYS C 23 4.11 -21.92 10.78
C LYS C 23 2.75 -22.33 10.23
N PRO C 24 2.55 -22.21 8.89
CA PRO C 24 1.26 -22.50 8.26
C PRO C 24 0.92 -23.98 8.15
N VAL C 25 -0.35 -24.28 8.44
CA VAL C 25 -0.95 -25.60 8.26
C VAL C 25 -2.15 -25.42 7.33
N ASN C 26 -2.04 -26.02 6.13
CA ASN C 26 -3.01 -25.85 5.05
C ASN C 26 -3.44 -24.40 4.91
N GLN C 27 -2.47 -23.49 4.86
CA GLN C 27 -2.72 -22.07 4.59
C GLN C 27 -1.43 -21.40 4.13
N VAL C 28 -1.57 -20.38 3.30
CA VAL C 28 -0.45 -19.71 2.69
C VAL C 28 -0.63 -18.25 3.03
N TYR C 29 0.44 -17.46 2.83
CA TYR C 29 0.43 -16.04 3.19
C TYR C 29 0.66 -15.19 1.94
N THR C 30 0.01 -14.02 1.90
CA THR C 30 0.48 -12.93 1.06
C THR C 30 0.64 -11.67 1.89
N VAL C 31 1.68 -10.90 1.57
CA VAL C 31 2.01 -9.69 2.30
C VAL C 31 1.68 -8.47 1.44
N GLN C 32 1.22 -7.41 2.12
CA GLN C 32 0.95 -6.14 1.47
C GLN C 32 1.71 -5.05 2.20
N ILE C 33 2.14 -4.03 1.47
CA ILE C 33 2.80 -2.91 2.11
C ILE C 33 2.34 -1.63 1.42
N SER C 34 2.20 -0.55 2.21
CA SER C 34 1.93 0.79 1.69
C SER C 34 2.57 1.87 2.57
N THR C 35 2.66 3.09 2.02
CA THR C 35 2.80 4.34 2.77
C THR C 35 1.43 4.82 3.23
N LYS C 36 1.38 5.88 4.03
CA LYS C 36 0.15 6.25 4.72
C LYS C 36 -0.90 6.72 3.73
N SER C 37 -0.44 7.17 2.56
CA SER C 37 -1.33 7.72 1.55
C SER C 37 -1.14 7.02 0.19
N GLY C 38 -0.45 5.88 0.17
CA GLY C 38 -0.16 5.21 -1.08
C GLY C 38 -1.01 3.97 -1.29
N ASP C 39 -0.89 3.37 -2.48
CA ASP C 39 -1.56 2.11 -2.78
C ASP C 39 -0.92 0.94 -2.03
N TRP C 40 -1.71 -0.12 -1.86
CA TRP C 40 -1.18 -1.34 -1.27
C TRP C 40 -0.49 -2.19 -2.33
N LYS C 41 0.76 -2.56 -2.06
CA LYS C 41 1.57 -3.31 -2.99
C LYS C 41 1.73 -4.71 -2.40
N SER C 42 1.45 -5.75 -3.21
CA SER C 42 1.55 -7.15 -2.78
C SER C 42 2.96 -7.71 -2.95
N LYS C 43 3.38 -8.52 -1.97
CA LYS C 43 4.70 -9.15 -1.94
C LYS C 43 4.63 -10.56 -1.37
N CYS C 44 5.63 -11.38 -1.76
CA CYS C 44 5.85 -12.70 -1.20
C CYS C 44 4.58 -13.55 -1.37
N PHE C 45 4.18 -13.76 -2.62
CA PHE C 45 2.84 -14.24 -2.96
C PHE C 45 2.66 -15.71 -2.62
N TYR C 46 1.63 -15.99 -1.81
CA TYR C 46 1.25 -17.35 -1.49
C TYR C 46 2.43 -18.12 -0.92
N THR C 47 3.16 -17.53 0.04
CA THR C 47 4.34 -18.16 0.59
C THR C 47 3.97 -19.09 1.73
N THR C 48 4.82 -20.11 1.94
CA THR C 48 4.70 -21.01 3.06
C THR C 48 5.65 -20.57 4.17
N ASP C 49 6.49 -19.58 3.88
CA ASP C 49 7.43 -19.00 4.82
C ASP C 49 6.75 -18.15 5.87
N THR C 50 7.51 -17.78 6.89
CA THR C 50 7.03 -16.90 7.95
C THR C 50 7.85 -15.62 7.98
N GLU C 51 8.46 -15.28 6.82
CA GLU C 51 9.14 -14.02 6.63
C GLU C 51 8.88 -13.50 5.21
N CYS C 52 9.16 -12.20 5.00
CA CYS C 52 9.08 -11.57 3.69
C CYS C 52 10.12 -10.45 3.60
N ASP C 53 10.98 -10.50 2.58
CA ASP C 53 11.88 -9.39 2.33
C ASP C 53 11.11 -8.23 1.67
N LEU C 54 11.12 -7.07 2.34
CA LEU C 54 10.46 -5.85 1.90
C LEU C 54 11.47 -4.75 1.58
N THR C 55 12.77 -5.09 1.59
CA THR C 55 13.86 -4.16 1.35
C THR C 55 13.63 -3.33 0.08
N ASP C 56 13.23 -3.99 -1.01
CA ASP C 56 13.20 -3.31 -2.28
C ASP C 56 12.12 -2.23 -2.27
N GLU C 57 11.06 -2.37 -1.48
CA GLU C 57 10.05 -1.31 -1.39
C GLU C 57 10.55 -0.16 -0.54
N ILE C 58 11.07 -0.45 0.66
CA ILE C 58 11.33 0.59 1.64
C ILE C 58 12.48 1.48 1.20
N VAL C 59 13.44 0.96 0.39
CA VAL C 59 14.59 1.76 0.00
C VAL C 59 14.20 2.79 -1.08
N LYS C 60 12.98 2.67 -1.61
CA LYS C 60 12.50 3.66 -2.55
C LYS C 60 12.39 5.02 -1.88
N ASP C 61 12.00 5.06 -0.61
CA ASP C 61 12.05 6.27 0.17
C ASP C 61 12.14 5.90 1.64
N VAL C 62 13.34 6.07 2.24
CA VAL C 62 13.61 5.60 3.60
C VAL C 62 12.99 6.50 4.66
N LYS C 63 12.54 7.72 4.30
CA LYS C 63 11.97 8.66 5.25
C LYS C 63 10.45 8.47 5.38
N GLN C 64 9.84 7.68 4.50
CA GLN C 64 8.40 7.42 4.65
C GLN C 64 8.16 6.48 5.81
N THR C 65 7.02 6.60 6.49
CA THR C 65 6.46 5.55 7.34
C THR C 65 5.68 4.54 6.50
N TYR C 66 5.94 3.24 6.72
CA TYR C 66 5.25 2.17 6.00
C TYR C 66 4.36 1.39 6.96
N LEU C 67 3.25 0.85 6.42
CA LEU C 67 2.45 -0.16 7.12
C LEU C 67 2.41 -1.42 6.28
N ALA C 68 2.45 -2.56 6.96
CA ALA C 68 2.40 -3.85 6.30
C ALA C 68 1.21 -4.63 6.85
N ARG C 69 0.74 -5.61 6.07
CA ARG C 69 -0.21 -6.55 6.62
C ARG C 69 -0.05 -7.89 5.94
N VAL C 70 -0.40 -8.95 6.70
CA VAL C 70 -0.19 -10.33 6.29
C VAL C 70 -1.56 -10.98 6.13
N PHE C 71 -1.80 -11.55 4.94
CA PHE C 71 -3.06 -12.20 4.60
C PHE C 71 -2.94 -13.72 4.70
N SER C 72 -3.98 -14.35 5.26
CA SER C 72 -4.06 -15.80 5.41
C SER C 72 -5.09 -16.37 4.44
N TYR C 73 -4.65 -17.35 3.66
CA TYR C 73 -5.53 -18.05 2.75
C TYR C 73 -5.46 -19.56 2.99
N PRO C 74 -6.59 -20.28 2.82
CA PRO C 74 -6.56 -21.73 2.87
C PRO C 74 -5.97 -22.25 1.57
N ALA C 75 -5.21 -23.34 1.65
CA ALA C 75 -4.54 -23.92 0.49
C ALA C 75 -5.55 -24.47 -0.54
N GLU D 1 -13.69 -11.11 2.50
CA GLU D 1 -12.33 -10.56 2.79
C GLU D 1 -11.51 -11.59 3.58
N PRO D 2 -10.22 -11.79 3.22
CA PRO D 2 -9.37 -12.74 3.96
C PRO D 2 -9.04 -12.21 5.35
N LEU D 3 -8.76 -13.15 6.28
CA LEU D 3 -8.23 -12.79 7.58
C LEU D 3 -6.84 -12.17 7.39
N TYR D 4 -6.61 -11.07 8.11
CA TYR D 4 -5.33 -10.41 8.00
C TYR D 4 -4.96 -9.79 9.33
N GLU D 5 -3.69 -9.45 9.47
CA GLU D 5 -3.25 -8.75 10.64
C GLU D 5 -2.35 -7.60 10.18
N ASN D 6 -2.41 -6.48 10.93
CA ASN D 6 -1.62 -5.31 10.62
C ASN D 6 -0.30 -5.36 11.39
N SER D 7 0.76 -4.84 10.77
CA SER D 7 2.05 -4.74 11.40
C SER D 7 2.14 -3.45 12.19
N PRO D 8 3.17 -3.24 13.02
CA PRO D 8 3.48 -1.91 13.54
C PRO D 8 3.99 -1.05 12.39
N GLU D 9 3.83 0.27 12.52
CA GLU D 9 4.40 1.20 11.56
C GLU D 9 5.91 1.08 11.56
N PHE D 10 6.56 1.54 10.50
CA PHE D 10 8.01 1.45 10.44
C PHE D 10 8.61 2.58 9.60
N THR D 11 9.46 3.36 10.23
CA THR D 11 10.16 4.43 9.53
C THR D 11 11.62 4.05 9.42
N PRO D 12 12.08 3.53 8.27
CA PRO D 12 13.44 3.02 8.14
C PRO D 12 14.51 3.95 8.71
N TYR D 13 14.46 5.24 8.33
CA TYR D 13 15.55 6.16 8.65
C TYR D 13 15.72 6.22 10.16
N LEU D 14 14.64 6.05 10.91
CA LEU D 14 14.65 6.23 12.36
C LEU D 14 14.81 4.90 13.10
N GLU D 15 14.50 3.75 12.44
CA GLU D 15 14.37 2.48 13.14
C GLU D 15 15.30 1.38 12.63
N THR D 16 15.89 1.52 11.46
CA THR D 16 16.77 0.44 11.04
C THR D 16 17.96 0.43 11.99
N ASN D 17 18.38 -0.78 12.40
CA ASN D 17 19.57 -0.94 13.22
C ASN D 17 20.80 -0.57 12.41
N LEU D 18 21.76 0.07 13.07
CA LEU D 18 23.07 0.32 12.48
C LEU D 18 23.90 -0.95 12.59
N GLY D 19 24.60 -1.30 11.53
CA GLY D 19 25.37 -2.53 11.49
C GLY D 19 26.69 -2.41 12.25
N GLN D 20 27.44 -3.50 12.31
CA GLN D 20 28.69 -3.50 13.02
C GLN D 20 29.77 -2.81 12.19
N PRO D 21 30.37 -1.72 12.70
CA PRO D 21 31.47 -1.05 12.01
C PRO D 21 32.72 -1.90 12.10
N THR D 22 33.60 -1.71 11.12
CA THR D 22 34.96 -2.20 11.20
C THR D 22 35.93 -1.04 10.97
N ILE D 23 37.13 -1.22 11.52
CA ILE D 23 38.26 -0.32 11.34
C ILE D 23 39.04 -0.78 10.11
N GLN D 24 39.18 0.15 9.17
CA GLN D 24 39.90 -0.09 7.92
C GLN D 24 41.41 -0.12 8.21
N SER D 25 41.88 0.87 9.00
CA SER D 25 43.31 1.08 9.22
C SER D 25 43.57 2.09 10.36
N PHE D 26 44.84 2.11 10.78
CA PHE D 26 45.41 3.18 11.58
C PHE D 26 46.85 3.43 11.13
N GLU D 27 47.33 4.68 11.25
CA GLU D 27 48.67 5.05 10.83
C GLU D 27 49.25 5.98 11.89
N GLN D 28 50.59 6.08 11.99
CA GLN D 28 51.24 6.98 12.92
C GLN D 28 51.95 8.12 12.18
N VAL D 29 51.85 9.33 12.74
CA VAL D 29 52.60 10.51 12.29
C VAL D 29 53.23 11.18 13.51
N GLY D 30 54.30 10.57 14.01
CA GLY D 30 54.94 11.03 15.23
C GLY D 30 54.09 10.70 16.44
N THR D 31 53.55 11.75 17.08
CA THR D 31 52.79 11.60 18.32
C THR D 31 51.30 11.44 18.00
N LYS D 32 50.92 11.48 16.71
CA LYS D 32 49.52 11.54 16.33
C LYS D 32 49.17 10.27 15.54
N VAL D 33 47.97 9.72 15.82
CA VAL D 33 47.50 8.51 15.14
C VAL D 33 46.21 8.82 14.39
N ASN D 34 46.11 8.31 13.16
CA ASN D 34 44.93 8.43 12.32
C ASN D 34 44.17 7.11 12.33
N VAL D 35 42.89 7.14 12.68
CA VAL D 35 42.07 5.94 12.69
C VAL D 35 40.95 6.08 11.65
N THR D 36 40.93 5.18 10.65
CA THR D 36 39.95 5.29 9.58
C THR D 36 38.92 4.17 9.72
N VAL D 37 37.63 4.55 9.73
CA VAL D 37 36.52 3.61 9.81
C VAL D 37 35.98 3.35 8.41
N GLU D 38 35.79 2.07 8.09
CA GLU D 38 35.33 1.62 6.77
C GLU D 38 33.92 2.12 6.51
N ASP D 39 33.61 2.66 5.33
CA ASP D 39 32.22 3.08 5.09
C ASP D 39 31.40 1.82 4.81
N GLU D 40 30.46 1.53 5.72
CA GLU D 40 29.62 0.34 5.64
C GLU D 40 28.52 0.60 4.62
N ARG D 41 28.37 -0.34 3.68
CA ARG D 41 27.37 -0.22 2.62
C ARG D 41 26.00 -0.57 3.20
N THR D 42 24.97 0.10 2.68
CA THR D 42 23.57 -0.15 2.98
C THR D 42 22.92 -0.83 1.77
N LEU D 43 21.62 -1.11 1.87
CA LEU D 43 20.89 -1.70 0.77
C LEU D 43 20.17 -0.64 -0.05
N VAL D 44 20.29 0.62 0.37
CA VAL D 44 19.84 1.72 -0.48
C VAL D 44 20.77 1.79 -1.70
N ARG D 45 20.21 1.67 -2.91
CA ARG D 45 21.02 1.79 -4.12
C ARG D 45 20.60 3.07 -4.86
N ARG D 46 21.61 3.90 -5.13
CA ARG D 46 21.55 4.95 -6.14
C ARG D 46 22.14 4.35 -7.41
N ASN D 47 21.26 4.00 -8.37
CA ASN D 47 21.62 3.55 -9.71
C ASN D 47 22.74 2.52 -9.65
N ASN D 48 22.35 1.27 -9.38
CA ASN D 48 23.25 0.12 -9.46
C ASN D 48 24.54 0.41 -8.71
N THR D 49 24.43 1.04 -7.53
CA THR D 49 25.53 1.29 -6.62
C THR D 49 24.96 1.40 -5.21
N PHE D 50 25.42 0.57 -4.27
CA PHE D 50 24.88 0.59 -2.91
C PHE D 50 25.44 1.79 -2.17
N LEU D 51 24.59 2.60 -1.52
CA LEU D 51 25.05 3.76 -0.79
C LEU D 51 25.63 3.36 0.57
N SER D 52 26.58 4.16 1.06
CA SER D 52 27.10 3.98 2.41
C SER D 52 26.17 4.58 3.45
N LEU D 53 26.50 4.36 4.70
CA LEU D 53 25.71 4.84 5.80
C LEU D 53 25.84 6.37 5.89
N ARG D 54 27.04 6.87 5.53
CA ARG D 54 27.37 8.30 5.48
C ARG D 54 26.59 8.96 4.34
N ASP D 55 26.39 8.25 3.21
CA ASP D 55 25.69 8.82 2.07
C ASP D 55 24.20 9.00 2.36
N VAL D 56 23.70 8.25 3.33
CA VAL D 56 22.29 8.23 3.65
C VAL D 56 22.00 9.13 4.85
N PHE D 57 22.85 9.08 5.87
CA PHE D 57 22.58 9.88 7.06
C PHE D 57 23.30 11.23 6.99
N GLY D 58 24.42 11.28 6.26
CA GLY D 58 25.28 12.45 6.31
C GLY D 58 25.58 12.88 7.75
N LYS D 59 25.25 14.13 8.05
CA LYS D 59 25.68 14.81 9.27
C LYS D 59 24.94 14.24 10.48
N ASP D 60 23.88 13.46 10.26
CA ASP D 60 23.13 12.85 11.35
C ASP D 60 23.95 11.74 12.04
N LEU D 61 24.96 11.21 11.34
CA LEU D 61 25.75 10.08 11.78
C LEU D 61 27.09 10.53 12.31
N ILE D 62 27.48 10.03 13.49
CA ILE D 62 28.83 10.20 14.01
C ILE D 62 29.45 8.85 14.39
N TYR D 63 30.78 8.79 14.40
CA TYR D 63 31.48 7.62 14.88
C TYR D 63 32.19 8.00 16.16
N THR D 64 32.13 7.07 17.12
CA THR D 64 32.81 7.18 18.39
C THR D 64 33.93 6.16 18.43
N LEU D 65 35.05 6.58 19.00
CA LEU D 65 36.20 5.72 19.20
C LEU D 65 36.49 5.57 20.69
N TYR D 66 36.58 4.31 21.14
CA TYR D 66 37.18 3.96 22.42
C TYR D 66 38.60 3.50 22.14
N TYR D 67 39.56 4.07 22.89
CA TYR D 67 40.95 3.65 22.87
C TYR D 67 41.53 3.64 24.29
N TRP D 68 42.60 2.86 24.47
CA TRP D 68 43.29 2.73 25.75
C TRP D 68 44.75 2.29 25.51
N SER D 69 44.29 2.43 34.59
CA SER D 69 44.23 2.49 33.11
C SER D 69 42.77 2.39 32.66
N GLY D 70 42.16 3.55 32.36
CA GLY D 70 40.78 3.61 31.91
C GLY D 70 40.67 3.70 30.39
N LYS D 71 39.56 4.32 29.94
CA LYS D 71 39.23 4.42 28.52
C LYS D 71 39.17 5.89 28.12
N LYS D 72 39.61 6.21 26.91
CA LYS D 72 39.44 7.56 26.38
C LYS D 72 38.50 7.47 25.17
N THR D 73 37.80 8.54 24.85
CA THR D 73 36.88 8.51 23.74
C THR D 73 37.12 9.71 22.84
N ALA D 74 36.88 9.51 21.54
CA ALA D 74 36.94 10.56 20.55
C ALA D 74 35.74 10.45 19.60
N LYS D 75 35.34 11.58 19.02
CA LYS D 75 34.20 11.63 18.13
C LYS D 75 34.63 12.26 16.81
N THR D 76 33.89 11.94 15.75
CA THR D 76 34.17 12.49 14.43
C THR D 76 32.89 12.50 13.61
N ASN D 77 32.70 13.58 12.84
CA ASN D 77 31.57 13.59 11.94
C ASN D 77 32.05 13.22 10.54
N THR D 78 33.25 12.65 10.45
CA THR D 78 33.67 12.01 9.21
C THR D 78 33.85 10.51 9.44
N ASN D 79 34.77 9.89 8.71
CA ASN D 79 35.11 8.49 8.94
C ASN D 79 36.52 8.42 9.50
N GLU D 80 37.02 9.53 10.04
CA GLU D 80 38.41 9.56 10.48
C GLU D 80 38.55 10.22 11.85
N PHE D 81 39.42 9.64 12.65
CA PHE D 81 39.80 10.25 13.90
C PHE D 81 41.29 10.58 13.82
N LEU D 82 41.63 11.73 14.40
CA LEU D 82 43.02 12.10 14.56
C LEU D 82 43.26 12.33 16.05
N ILE D 83 43.97 11.38 16.66
CA ILE D 83 44.16 11.42 18.10
C ILE D 83 45.64 11.57 18.46
N ASP D 84 45.86 12.20 19.63
CA ASP D 84 47.16 12.30 20.27
C ASP D 84 47.41 11.05 21.09
N VAL D 85 48.63 10.53 21.01
CA VAL D 85 49.01 9.39 21.83
C VAL D 85 50.43 9.57 22.37
N ASP D 86 50.78 8.75 23.36
CA ASP D 86 52.10 8.71 23.94
C ASP D 86 53.00 7.82 23.08
N LYS D 87 54.27 8.23 22.96
CA LYS D 87 55.29 7.49 22.23
C LYS D 87 55.60 6.18 22.96
N GLY D 88 55.82 5.11 22.18
CA GLY D 88 56.34 3.87 22.71
C GLY D 88 55.33 3.08 23.54
N GLU D 89 54.08 3.56 23.63
CA GLU D 89 52.97 2.80 24.21
C GLU D 89 52.10 2.23 23.07
N ASN D 90 51.63 0.98 23.24
CA ASN D 90 50.77 0.37 22.24
C ASN D 90 49.31 0.55 22.66
N TYR D 91 48.47 0.94 21.68
CA TYR D 91 47.09 1.30 21.94
C TYR D 91 46.18 0.26 21.31
N CYS D 92 44.98 0.12 21.89
CA CYS D 92 43.92 -0.69 21.29
C CYS D 92 42.72 0.23 21.00
N PHE D 93 41.96 -0.13 19.96
CA PHE D 93 40.91 0.71 19.40
C PHE D 93 39.60 -0.05 19.12
N SER D 94 38.46 0.64 19.28
CA SER D 94 37.17 0.10 18.90
C SER D 94 36.21 1.23 18.53
N VAL D 95 35.32 1.03 17.55
CA VAL D 95 34.45 2.11 17.14
C VAL D 95 32.97 1.70 17.16
N GLN D 96 32.14 2.72 17.37
CA GLN D 96 30.70 2.60 17.45
C GLN D 96 30.08 3.73 16.60
N ALA D 97 29.14 3.33 15.71
CA ALA D 97 28.29 4.26 14.98
C ALA D 97 27.21 4.79 15.90
N VAL D 98 27.01 6.12 15.85
CA VAL D 98 25.95 6.75 16.64
C VAL D 98 25.21 7.76 15.79
N ILE D 99 23.89 7.79 16.00
CA ILE D 99 23.00 8.83 15.48
C ILE D 99 22.39 9.54 16.67
N PRO D 100 23.02 10.64 17.14
CA PRO D 100 22.60 11.29 18.38
C PRO D 100 21.13 11.70 18.41
N SER D 101 20.57 12.09 17.25
CA SER D 101 19.21 12.62 17.19
C SER D 101 18.15 11.54 17.46
N ARG D 102 18.51 10.25 17.38
CA ARG D 102 17.53 9.18 17.49
C ARG D 102 17.07 9.02 18.93
N THR D 103 15.89 8.42 19.13
CA THR D 103 15.39 8.09 20.46
C THR D 103 15.56 6.59 20.73
N VAL D 104 15.32 5.76 19.73
CA VAL D 104 15.56 4.33 19.87
C VAL D 104 16.65 3.90 18.88
N ASN D 105 17.36 2.81 19.20
CA ASN D 105 18.40 2.24 18.37
C ASN D 105 19.43 3.32 18.01
N ARG D 106 19.98 3.97 19.02
CA ARG D 106 20.83 5.11 18.76
C ARG D 106 22.23 4.63 18.39
N LYS D 107 22.66 3.48 18.91
CA LYS D 107 24.05 3.07 18.79
C LYS D 107 24.16 1.76 18.01
N SER D 108 25.14 1.68 17.13
CA SER D 108 25.54 0.38 16.61
C SER D 108 26.16 -0.41 17.74
N THR D 109 26.50 -1.66 17.41
CA THR D 109 27.32 -2.48 18.28
C THR D 109 28.77 -2.08 18.05
N ASP D 110 29.66 -2.41 19.00
CA ASP D 110 31.05 -2.03 18.91
C ASP D 110 31.75 -2.86 17.82
N SER D 111 32.72 -2.26 17.11
CA SER D 111 33.57 -2.98 16.16
C SER D 111 34.46 -4.00 16.88
N PRO D 112 35.02 -4.97 16.13
CA PRO D 112 36.21 -5.68 16.60
C PRO D 112 37.25 -4.69 17.09
N VAL D 113 37.97 -5.10 18.13
CA VAL D 113 39.04 -4.34 18.73
C VAL D 113 40.30 -4.63 17.95
N GLU D 114 41.04 -3.57 17.58
CA GLU D 114 42.31 -3.68 16.88
C GLU D 114 43.38 -3.07 17.77
N CYS D 115 44.61 -3.61 17.72
CA CYS D 115 45.71 -3.08 18.52
C CYS D 115 46.97 -2.93 17.69
N MET D 116 47.84 -2.04 18.15
CA MET D 116 49.13 -1.76 17.50
C MET D 116 50.13 -2.89 17.85
#